data_8TKJ
#
_entry.id   8TKJ
#
_cell.length_a   1.00
_cell.length_b   1.00
_cell.length_c   1.00
_cell.angle_alpha   90.00
_cell.angle_beta   90.00
_cell.angle_gamma   90.00
#
_symmetry.space_group_name_H-M   'P 1'
#
loop_
_entity.id
_entity.type
_entity.pdbx_description
1 polymer 'RNA Device 43'
2 non-polymer 'MAGNESIUM ION'
#
_entity_poly.entity_id   1
_entity_poly.type   'polyribonucleotide'
_entity_poly.pdbx_seq_one_letter_code
;GUGAGGUGCAGGUACAUCCAGCUGAUGAGUCCCAAAUAGGACAAAAAGGGAGAGGUGAAGAAUACGACCACCUAGGCUCG
AAAGAGCCUAAAACAUACCUUUCCUGGAUUCCACUGCUAUCCAC
;
_entity_poly.pdbx_strand_id   A
#
loop_
_chem_comp.id
_chem_comp.type
_chem_comp.name
_chem_comp.formula
A RNA linking ADENOSINE-5'-MONOPHOSPHATE 'C10 H14 N5 O7 P'
C RNA linking CYTIDINE-5'-MONOPHOSPHATE 'C9 H14 N3 O8 P'
G RNA linking GUANOSINE-5'-MONOPHOSPHATE 'C10 H14 N5 O8 P'
MG non-polymer 'MAGNESIUM ION' 'Mg 2'
U RNA linking URIDINE-5'-MONOPHOSPHATE 'C9 H13 N2 O9 P'
#
# COMPACT_ATOMS: atom_id res chain seq x y z
MG MG B . 1.02 -20.16 -8.48
MG MG C . -1.99 37.16 17.52
MG MG D . 1.75 34.61 13.13
MG MG E . -5.42 14.35 22.83
MG MG F . 1.81 9.84 29.84
MG MG G . 9.18 -19.15 -13.05
MG MG H . 1.78 -27.53 -26.52
MG MG I . -8.12 -29.11 -35.27
#